data_5AZ2
#
_entry.id   5AZ2
#
_cell.length_a   41.000
_cell.length_b   79.830
_cell.length_c   59.980
_cell.angle_alpha   90.00
_cell.angle_beta   92.59
_cell.angle_gamma   90.00
#
_symmetry.space_group_name_H-M   'P 1 21 1'
#
loop_
_entity.id
_entity.type
_entity.pdbx_description
1 polymer 'anti-human epiregulin antibody 9E5 Fab heavy chain'
2 polymer 'anti-human epiregulin antibody 9E5 Fab light chain'
3 water water
#
loop_
_entity_poly.entity_id
_entity_poly.type
_entity_poly.pdbx_seq_one_letter_code
_entity_poly.pdbx_strand_id
1 'polypeptide(L)'
;EVQLQQSGAELVKPGASVKLSCTASGFNIKDTYMHWVKQRPEQGLEWIGRIDPLNDKTKYDPKFQGKATITADTSSNSAY
LQLSSLTSEDTAVYYCSRGGGDPVFVYWGQGTLVTVSAAKTTPPSVYPLAPGSAAQTNSMVTLGCLVKGYFPEPVTVTWN
SGSLSSGVHTFPAVLQSDLYTLSSSVTVPSSTWPSETVTCNVAHPASSTKVDKKIVPRDCGC
;
H
2 'polypeptide(L)'
;DIQMTQSPSSLSASLGGKVTITCKASQDINKYIAWYQHKPGKGPRLLIHYTSTLHPGIPSRFSGSGSGRDYSFSISNLEP
EDIATYYCLQYDNLRTFGGGTKLEIKRADAAPTVSIFPPSSEQLTSGGASVVCFLNNFYPKDINVKWKIDGSERQNGVLN
SWTDQDSKDSTYSMSSTLTLTKDEYERHNSYTCEATHKTSTSPIVKSFNRNEC
;
L
#
# COMPACT_ATOMS: atom_id res chain seq x y z
N GLU A 1 -5.25 21.16 19.61
CA GLU A 1 -5.29 20.70 18.22
C GLU A 1 -6.60 20.02 17.89
N VAL A 2 -6.83 19.84 16.59
CA VAL A 2 -8.04 19.21 16.09
C VAL A 2 -7.81 17.71 15.94
N GLN A 3 -8.85 16.91 16.21
CA GLN A 3 -8.76 15.46 16.14
C GLN A 3 -10.01 14.83 15.52
N LEU A 4 -9.82 13.99 14.52
CA LEU A 4 -10.92 13.27 13.86
C LEU A 4 -10.74 11.77 14.01
N GLN A 5 -11.63 11.13 14.77
CA GLN A 5 -11.52 9.68 15.05
C GLN A 5 -12.59 8.86 14.32
N GLN A 6 -12.16 8.03 13.37
CA GLN A 6 -13.09 7.24 12.57
C GLN A 6 -13.29 5.83 13.12
N SER A 7 -14.41 5.21 12.75
CA SER A 7 -14.72 3.85 13.18
C SER A 7 -13.82 2.82 12.45
N GLY A 8 -13.80 1.59 12.97
CA GLY A 8 -12.88 0.58 12.49
C GLY A 8 -13.27 -0.10 11.19
N ALA A 9 -12.36 -0.89 10.65
CA ALA A 9 -12.58 -1.60 9.37
C ALA A 9 -13.83 -2.48 9.37
N GLU A 10 -14.47 -2.56 8.20
CA GLU A 10 -15.72 -3.28 8.02
C GLU A 10 -15.61 -4.33 6.92
N LEU A 11 -16.14 -5.52 7.18
CA LEU A 11 -16.27 -6.54 6.14
C LEU A 11 -17.76 -6.74 5.91
N VAL A 12 -18.20 -6.42 4.71
CA VAL A 12 -19.62 -6.33 4.40
C VAL A 12 -20.01 -7.19 3.22
N LYS A 13 -21.13 -7.90 3.36
CA LYS A 13 -21.68 -8.73 2.29
C LYS A 13 -22.13 -7.89 1.11
N PRO A 14 -21.93 -8.41 -0.11
CA PRO A 14 -22.46 -7.74 -1.31
C PRO A 14 -23.95 -7.48 -1.19
N GLY A 15 -24.38 -6.27 -1.51
CA GLY A 15 -25.77 -5.92 -1.39
C GLY A 15 -26.21 -5.33 -0.06
N ALA A 16 -25.38 -5.48 0.96
CA ALA A 16 -25.74 -4.98 2.29
C ALA A 16 -25.41 -3.50 2.40
N SER A 17 -25.75 -2.92 3.54
CA SER A 17 -25.39 -1.53 3.85
C SER A 17 -24.40 -1.47 5.01
N VAL A 18 -23.76 -0.31 5.19
CA VAL A 18 -22.85 -0.10 6.32
C VAL A 18 -22.83 1.37 6.69
N LYS A 19 -22.59 1.66 7.97
CA LYS A 19 -22.55 3.04 8.43
C LYS A 19 -21.24 3.32 9.17
N LEU A 20 -20.48 4.27 8.64
CA LEU A 20 -19.19 4.64 9.21
C LEU A 20 -19.33 5.89 10.07
N SER A 21 -18.46 6.06 11.07
CA SER A 21 -18.54 7.24 11.91
C SER A 21 -17.21 8.02 11.99
N CYS A 22 -17.33 9.29 12.34
CA CYS A 22 -16.21 10.21 12.47
C CYS A 22 -16.48 11.17 13.64
N THR A 23 -15.71 11.06 14.72
CA THR A 23 -15.95 11.91 15.90
C THR A 23 -14.87 12.98 16.06
N ALA A 24 -15.28 14.23 16.13
CA ALA A 24 -14.35 15.35 16.22
C ALA A 24 -14.09 15.80 17.66
N SER A 25 -12.91 16.39 17.85
CA SER A 25 -12.59 17.08 19.09
C SER A 25 -11.67 18.26 18.77
N GLY A 26 -11.72 19.30 19.60
CA GLY A 26 -10.93 20.49 19.36
C GLY A 26 -11.71 21.56 18.61
N PHE A 27 -12.87 21.18 18.08
CA PHE A 27 -13.80 22.14 17.51
C PHE A 27 -15.20 21.53 17.51
N ASN A 28 -16.20 22.38 17.33
CA ASN A 28 -17.58 21.91 17.23
C ASN A 28 -18.00 21.84 15.77
N ILE A 29 -18.53 20.70 15.35
CA ILE A 29 -18.87 20.52 13.94
C ILE A 29 -20.02 21.45 13.55
N LYS A 30 -20.72 21.95 14.56
CA LYS A 30 -21.77 22.94 14.35
C LYS A 30 -21.23 24.16 13.62
N ASP A 31 -19.97 24.49 13.88
CA ASP A 31 -19.37 25.73 13.39
C ASP A 31 -18.87 25.62 11.96
N THR A 32 -18.84 24.41 11.41
CA THR A 32 -18.30 24.21 10.07
C THR A 32 -19.13 23.23 9.22
N TYR A 33 -18.49 22.55 8.27
CA TYR A 33 -19.10 21.47 7.49
C TYR A 33 -18.22 20.23 7.65
N MET A 34 -18.79 19.05 7.43
CA MET A 34 -18.01 17.82 7.47
C MET A 34 -18.12 17.08 6.14
N HIS A 35 -17.00 16.57 5.66
CA HIS A 35 -16.91 15.98 4.33
C HIS A 35 -16.49 14.52 4.38
N TRP A 36 -16.86 13.75 3.36
CA TRP A 36 -16.36 12.39 3.21
C TRP A 36 -15.70 12.21 1.85
N VAL A 37 -14.62 11.44 1.83
CA VAL A 37 -13.84 11.18 0.61
C VAL A 37 -13.54 9.69 0.48
N LYS A 38 -13.59 9.18 -0.75
CA LYS A 38 -13.33 7.77 -1.04
C LYS A 38 -11.97 7.56 -1.68
N GLN A 39 -11.32 6.45 -1.36
CA GLN A 39 -10.13 6.03 -2.07
C GLN A 39 -10.15 4.52 -2.34
N ARG A 40 -10.51 4.13 -3.57
CA ARG A 40 -10.40 2.74 -3.99
C ARG A 40 -8.92 2.36 -3.99
N PRO A 41 -8.59 1.11 -3.60
CA PRO A 41 -7.25 0.61 -3.25
C PRO A 41 -6.06 1.23 -4.00
N GLU A 42 -5.99 1.06 -5.32
CA GLU A 42 -4.87 1.60 -6.08
C GLU A 42 -5.32 2.70 -7.05
N GLN A 43 -6.34 3.43 -6.64
CA GLN A 43 -6.87 4.53 -7.45
C GLN A 43 -6.86 5.85 -6.68
N GLY A 44 -7.55 6.85 -7.23
CA GLY A 44 -7.44 8.21 -6.76
C GLY A 44 -8.35 8.58 -5.60
N LEU A 45 -8.42 9.88 -5.32
CA LEU A 45 -9.31 10.40 -4.29
C LEU A 45 -10.60 10.90 -4.93
N GLU A 46 -11.74 10.53 -4.34
CA GLU A 46 -13.05 10.92 -4.86
C GLU A 46 -13.86 11.58 -3.77
N TRP A 47 -14.30 12.81 -4.00
CA TRP A 47 -15.17 13.48 -3.03
C TRP A 47 -16.55 12.87 -3.09
N ILE A 48 -17.10 12.53 -1.95
CA ILE A 48 -18.44 11.92 -1.88
C ILE A 48 -19.48 12.99 -1.63
N GLY A 49 -19.31 13.73 -0.53
CA GLY A 49 -20.30 14.74 -0.20
C GLY A 49 -19.98 15.44 1.10
N ARG A 50 -20.89 16.31 1.53
CA ARG A 50 -20.69 17.07 2.75
C ARG A 50 -21.99 17.25 3.50
N ILE A 51 -21.88 17.58 4.79
CA ILE A 51 -23.04 18.01 5.55
C ILE A 51 -22.71 19.29 6.32
N ASP A 52 -23.72 20.17 6.45
CA ASP A 52 -23.71 21.32 7.35
C ASP A 52 -24.44 20.91 8.62
N PRO A 53 -23.68 20.57 9.68
CA PRO A 53 -24.34 20.06 10.89
C PRO A 53 -25.31 21.05 11.54
N LEU A 54 -25.19 22.35 11.27
CA LEU A 54 -26.08 23.33 11.89
C LEU A 54 -27.52 23.14 11.41
N ASN A 55 -27.69 22.93 10.10
CA ASN A 55 -29.00 22.77 9.52
C ASN A 55 -29.21 21.44 8.80
N ASP A 56 -28.21 20.54 8.94
CA ASP A 56 -28.27 19.18 8.40
C ASP A 56 -28.46 19.14 6.86
N LYS A 57 -28.15 20.23 6.18
CA LYS A 57 -28.22 20.24 4.72
C LYS A 57 -27.03 19.50 4.14
N THR A 58 -27.28 18.69 3.11
CA THR A 58 -26.24 17.88 2.49
C THR A 58 -26.06 18.16 1.00
N LYS A 59 -24.86 17.86 0.50
CA LYS A 59 -24.57 17.94 -0.93
C LYS A 59 -23.76 16.72 -1.30
N TYR A 60 -24.03 16.16 -2.46
CA TYR A 60 -23.30 14.98 -2.93
C TYR A 60 -22.81 15.14 -4.33
N ASP A 61 -21.66 14.52 -4.64
CA ASP A 61 -21.28 14.35 -6.04
C ASP A 61 -22.32 13.44 -6.67
N PRO A 62 -22.73 13.76 -7.91
CA PRO A 62 -23.77 12.96 -8.59
C PRO A 62 -23.43 11.48 -8.64
N LYS A 63 -22.14 11.15 -8.69
CA LYS A 63 -21.70 9.76 -8.69
C LYS A 63 -22.23 8.99 -7.48
N PHE A 64 -22.34 9.67 -6.34
CA PHE A 64 -22.75 8.99 -5.10
C PHE A 64 -24.20 9.25 -4.67
N GLN A 65 -24.98 9.90 -5.53
CA GLN A 65 -26.39 10.10 -5.20
C GLN A 65 -27.09 8.74 -5.06
N GLY A 66 -27.76 8.54 -3.94
CA GLY A 66 -28.39 7.26 -3.66
C GLY A 66 -27.49 6.32 -2.89
N LYS A 67 -26.24 6.20 -3.34
CA LYS A 67 -25.26 5.32 -2.72
C LYS A 67 -24.91 5.78 -1.31
N ALA A 68 -24.70 7.08 -1.18
CA ALA A 68 -24.21 7.65 0.07
C ALA A 68 -25.23 8.52 0.79
N THR A 69 -25.32 8.36 2.10
CA THR A 69 -26.13 9.26 2.91
C THR A 69 -25.27 9.76 4.07
N ILE A 70 -25.13 11.07 4.16
CA ILE A 70 -24.31 11.67 5.20
C ILE A 70 -25.17 12.34 6.27
N THR A 71 -24.87 12.02 7.52
CA THR A 71 -25.57 12.61 8.65
C THR A 71 -24.61 13.12 9.71
N ALA A 72 -25.16 13.79 10.71
CA ALA A 72 -24.35 14.35 11.79
C ALA A 72 -25.16 14.48 13.08
N ASP A 73 -24.47 14.37 14.21
CA ASP A 73 -25.08 14.51 15.52
C ASP A 73 -24.37 15.62 16.27
N THR A 74 -25.04 16.77 16.35
CA THR A 74 -24.48 17.97 16.95
C THR A 74 -23.92 17.75 18.37
N SER A 75 -24.70 17.09 19.23
CA SER A 75 -24.31 16.98 20.62
C SER A 75 -23.39 15.79 20.84
N SER A 76 -23.10 15.06 19.78
CA SER A 76 -22.10 13.99 19.83
C SER A 76 -20.85 14.41 19.07
N ASN A 77 -20.91 15.56 18.42
CA ASN A 77 -19.83 16.08 17.59
C ASN A 77 -19.30 15.01 16.64
N SER A 78 -20.22 14.28 16.03
CA SER A 78 -19.85 13.22 15.10
C SER A 78 -20.55 13.36 13.75
N ALA A 79 -19.91 12.81 12.72
CA ALA A 79 -20.54 12.72 11.41
C ALA A 79 -20.52 11.28 10.93
N TYR A 80 -21.44 10.95 10.03
CA TYR A 80 -21.64 9.57 9.62
C TYR A 80 -21.80 9.48 8.12
N LEU A 81 -21.36 8.37 7.57
CA LEU A 81 -21.55 8.02 6.16
C LEU A 81 -22.22 6.67 6.06
N GLN A 82 -23.44 6.64 5.53
CA GLN A 82 -24.08 5.36 5.29
C GLN A 82 -24.00 5.02 3.82
N LEU A 83 -23.57 3.80 3.52
CA LEU A 83 -23.42 3.35 2.15
C LEU A 83 -24.39 2.21 1.92
N SER A 84 -25.17 2.30 0.83
CA SER A 84 -26.21 1.31 0.59
C SER A 84 -25.90 0.40 -0.60
N SER A 85 -26.53 -0.79 -0.62
CA SER A 85 -26.42 -1.74 -1.73
C SER A 85 -24.98 -1.94 -2.22
N LEU A 86 -24.11 -2.42 -1.35
CA LEU A 86 -22.68 -2.42 -1.65
C LEU A 86 -22.26 -3.41 -2.75
N THR A 87 -21.29 -2.98 -3.55
CA THR A 87 -20.65 -3.82 -4.56
C THR A 87 -19.14 -3.78 -4.34
N SER A 88 -18.39 -4.59 -5.09
CA SER A 88 -16.94 -4.56 -4.97
C SER A 88 -16.36 -3.21 -5.40
N GLU A 89 -17.12 -2.43 -6.16
CA GLU A 89 -16.71 -1.08 -6.54
C GLU A 89 -16.71 -0.16 -5.32
N ASP A 90 -17.40 -0.57 -4.27
CA ASP A 90 -17.44 0.21 -3.03
C ASP A 90 -16.34 -0.17 -2.06
N THR A 91 -15.56 -1.19 -2.39
CA THR A 91 -14.39 -1.52 -1.58
C THR A 91 -13.37 -0.38 -1.69
N ALA A 92 -13.01 0.20 -0.55
CA ALA A 92 -12.20 1.42 -0.52
C ALA A 92 -11.91 1.85 0.91
N VAL A 93 -10.98 2.78 1.05
CA VAL A 93 -10.79 3.47 2.31
C VAL A 93 -11.64 4.72 2.24
N TYR A 94 -12.36 5.00 3.32
CA TYR A 94 -13.21 6.18 3.42
C TYR A 94 -12.69 7.11 4.50
N TYR A 95 -12.50 8.37 4.11
CA TYR A 95 -12.01 9.40 5.01
C TYR A 95 -13.05 10.46 5.32
N CYS A 96 -13.06 10.93 6.56
CA CYS A 96 -13.80 12.10 6.98
CA CYS A 96 -13.80 12.13 6.88
C CYS A 96 -12.81 13.27 7.01
N SER A 97 -13.24 14.48 6.67
CA SER A 97 -12.35 15.64 6.73
C SER A 97 -13.12 16.90 7.04
N ARG A 98 -12.45 17.84 7.69
CA ARG A 98 -13.11 19.06 8.13
C ARG A 98 -13.30 20.06 6.99
N GLY A 99 -14.48 20.69 6.96
CA GLY A 99 -14.82 21.66 5.94
C GLY A 99 -14.21 23.03 6.16
N GLY A 100 -14.71 24.02 5.42
CA GLY A 100 -14.14 25.36 5.44
C GLY A 100 -13.15 25.58 4.30
N GLY A 101 -13.00 26.83 3.88
CA GLY A 101 -12.19 27.13 2.71
C GLY A 101 -10.83 27.73 2.99
N ASP A 102 -10.53 27.96 4.27
CA ASP A 102 -9.31 28.67 4.63
C ASP A 102 -8.76 28.18 5.98
N PRO A 103 -7.93 27.13 5.95
CA PRO A 103 -7.50 26.40 4.74
C PRO A 103 -8.47 25.26 4.36
N VAL A 104 -8.06 24.46 3.38
CA VAL A 104 -8.91 23.44 2.79
C VAL A 104 -8.41 22.04 3.11
N PHE A 105 -9.32 21.19 3.59
CA PHE A 105 -9.01 19.84 4.02
C PHE A 105 -7.65 19.74 4.72
N VAL A 106 -7.51 20.42 5.85
CA VAL A 106 -6.26 20.33 6.61
C VAL A 106 -6.34 19.15 7.58
N TYR A 107 -7.53 18.89 8.12
CA TYR A 107 -7.71 17.84 9.11
C TYR A 107 -8.44 16.63 8.56
N TRP A 108 -7.80 15.47 8.68
CA TRP A 108 -8.35 14.21 8.18
C TRP A 108 -8.46 13.13 9.27
N GLY A 109 -9.56 12.39 9.25
CA GLY A 109 -9.62 11.15 10.02
C GLY A 109 -8.62 10.14 9.48
N GLN A 110 -8.41 9.05 10.20
CA GLN A 110 -7.39 8.07 9.84
C GLN A 110 -7.82 7.09 8.74
N GLY A 111 -9.06 7.21 8.28
CA GLY A 111 -9.55 6.36 7.20
C GLY A 111 -10.21 5.11 7.75
N THR A 112 -11.27 4.66 7.10
CA THR A 112 -11.94 3.41 7.45
C THR A 112 -12.00 2.49 6.22
N LEU A 113 -11.41 1.30 6.32
CA LEU A 113 -11.45 0.35 5.21
C LEU A 113 -12.76 -0.40 5.18
N VAL A 114 -13.42 -0.40 4.03
CA VAL A 114 -14.64 -1.17 3.84
C VAL A 114 -14.33 -2.22 2.78
N THR A 115 -14.45 -3.50 3.15
CA THR A 115 -14.25 -4.55 2.15
C THR A 115 -15.59 -5.21 1.86
N VAL A 116 -15.97 -5.23 0.58
CA VAL A 116 -17.24 -5.83 0.16
C VAL A 116 -16.96 -7.17 -0.47
N SER A 117 -17.39 -8.23 0.19
CA SER A 117 -17.09 -9.59 -0.27
C SER A 117 -17.98 -10.60 0.42
N ALA A 118 -18.28 -11.67 -0.31
CA ALA A 118 -19.00 -12.81 0.23
C ALA A 118 -18.07 -13.84 0.88
N ALA A 119 -16.76 -13.64 0.70
CA ALA A 119 -15.76 -14.59 1.17
C ALA A 119 -15.71 -14.64 2.71
N LYS A 120 -15.31 -15.79 3.25
CA LYS A 120 -15.29 -16.00 4.69
C LYS A 120 -13.97 -15.55 5.33
N THR A 121 -14.09 -14.85 6.45
CA THR A 121 -12.93 -14.47 7.24
C THR A 121 -12.12 -15.69 7.66
N THR A 122 -10.83 -15.66 7.37
CA THR A 122 -9.95 -16.82 7.52
C THR A 122 -8.59 -16.32 7.97
N PRO A 123 -8.06 -16.88 9.07
CA PRO A 123 -6.72 -16.48 9.51
C PRO A 123 -5.64 -17.13 8.66
N PRO A 124 -4.46 -16.52 8.60
CA PRO A 124 -3.40 -17.06 7.75
C PRO A 124 -2.68 -18.28 8.30
N SER A 125 -2.18 -19.11 7.40
CA SER A 125 -1.13 -20.07 7.75
C SER A 125 0.17 -19.32 7.60
N VAL A 126 1.09 -19.55 8.52
CA VAL A 126 2.37 -18.83 8.51
C VAL A 126 3.50 -19.85 8.41
N TYR A 127 4.27 -19.76 7.31
CA TYR A 127 5.35 -20.71 7.06
C TYR A 127 6.71 -20.04 7.07
N PRO A 128 7.69 -20.68 7.70
CA PRO A 128 9.04 -20.09 7.77
C PRO A 128 9.78 -20.35 6.46
N LEU A 129 10.59 -19.38 6.06
CA LEU A 129 11.45 -19.54 4.90
C LEU A 129 12.89 -19.49 5.37
N ALA A 130 13.48 -20.66 5.56
CA ALA A 130 14.89 -20.77 5.89
C ALA A 130 15.67 -21.15 4.65
N PRO A 131 16.90 -20.64 4.51
CA PRO A 131 17.69 -20.89 3.30
C PRO A 131 18.13 -22.35 3.14
N GLY A 132 18.34 -22.76 1.89
CA GLY A 132 19.07 -23.99 1.61
C GLY A 132 20.52 -23.80 2.04
N SER A 133 21.28 -24.89 2.13
CA SER A 133 22.62 -24.83 2.71
C SER A 133 23.65 -24.05 1.90
N ALA A 134 23.25 -23.50 0.76
CA ALA A 134 24.17 -22.74 -0.08
C ALA A 134 24.57 -21.40 0.56
N ALA A 135 23.60 -20.74 1.20
CA ALA A 135 23.85 -19.46 1.85
C ALA A 135 24.76 -19.63 3.07
N ASN A 138 27.70 -14.64 2.52
CA ASN A 138 28.74 -13.72 2.97
C ASN A 138 28.46 -13.17 4.36
N SER A 139 28.43 -11.84 4.48
CA SER A 139 28.27 -11.20 5.78
C SER A 139 26.82 -11.19 6.26
N MET A 140 25.88 -11.23 5.33
CA MET A 140 24.45 -11.16 5.67
C MET A 140 23.70 -12.43 5.26
N VAL A 141 22.56 -12.66 5.89
CA VAL A 141 21.72 -13.78 5.48
C VAL A 141 20.28 -13.26 5.40
N THR A 142 19.54 -13.72 4.40
CA THR A 142 18.14 -13.35 4.28
C THR A 142 17.22 -14.52 4.68
N LEU A 143 16.18 -14.19 5.46
CA LEU A 143 15.19 -15.16 5.90
C LEU A 143 13.83 -14.63 5.46
N GLY A 144 12.80 -15.45 5.57
CA GLY A 144 11.51 -14.94 5.20
C GLY A 144 10.37 -15.70 5.83
N CYS A 145 9.17 -15.22 5.54
CA CYS A 145 7.95 -15.71 6.12
CA CYS A 145 8.05 -16.02 5.95
C CYS A 145 6.89 -15.75 5.01
N LEU A 146 6.17 -16.83 4.84
CA LEU A 146 5.12 -16.90 3.84
C LEU A 146 3.81 -16.95 4.58
N VAL A 147 2.96 -15.97 4.27
CA VAL A 147 1.70 -15.80 4.99
C VAL A 147 0.57 -16.12 4.02
N LYS A 148 -0.08 -17.27 4.20
CA LYS A 148 -0.88 -17.83 3.11
C LYS A 148 -2.30 -18.14 3.54
N GLY A 149 -3.25 -17.87 2.64
CA GLY A 149 -4.62 -18.34 2.81
C GLY A 149 -5.46 -17.60 3.83
N TYR A 150 -5.41 -16.26 3.80
CA TYR A 150 -6.20 -15.47 4.74
C TYR A 150 -7.18 -14.56 4.00
N PHE A 151 -8.17 -14.10 4.75
CA PHE A 151 -9.13 -13.14 4.24
C PHE A 151 -9.82 -12.51 5.43
N PRO A 152 -10.08 -11.19 5.39
CA PRO A 152 -9.71 -10.22 4.35
C PRO A 152 -8.35 -9.60 4.64
N GLU A 153 -7.95 -8.64 3.82
CA GLU A 153 -6.84 -7.75 4.14
C GLU A 153 -7.24 -6.83 5.31
N PRO A 154 -6.27 -6.35 6.09
CA PRO A 154 -4.84 -6.62 5.95
C PRO A 154 -4.33 -7.60 6.99
N VAL A 155 -3.04 -7.92 6.88
CA VAL A 155 -2.28 -8.55 7.93
C VAL A 155 -1.13 -7.63 8.23
N THR A 156 -0.60 -7.74 9.44
CA THR A 156 0.61 -6.99 9.77
C THR A 156 1.71 -8.00 10.05
N VAL A 157 2.82 -7.88 9.34
CA VAL A 157 3.94 -8.75 9.56
C VAL A 157 5.11 -8.00 10.16
N THR A 158 5.61 -8.49 11.29
CA THR A 158 6.80 -7.88 11.89
C THR A 158 7.84 -8.95 12.20
N TRP A 159 9.05 -8.51 12.55
CA TRP A 159 10.14 -9.41 12.83
C TRP A 159 10.75 -9.10 14.19
N ASN A 160 10.80 -10.10 15.07
CA ASN A 160 11.25 -9.95 16.46
C ASN A 160 10.53 -8.75 17.12
N SER A 161 9.22 -8.68 16.84
CA SER A 161 8.33 -7.66 17.38
C SER A 161 8.79 -6.24 17.06
N GLY A 162 9.40 -6.08 15.90
CA GLY A 162 9.79 -4.77 15.41
C GLY A 162 11.25 -4.40 15.58
N SER A 163 11.99 -5.19 16.36
CA SER A 163 13.38 -4.85 16.65
C SER A 163 14.27 -5.11 15.44
N LEU A 164 13.80 -5.97 14.54
CA LEU A 164 14.34 -6.03 13.20
C LEU A 164 13.40 -5.24 12.34
N SER A 165 13.84 -4.07 11.93
CA SER A 165 12.98 -3.15 11.20
C SER A 165 13.67 -2.74 9.92
N SER A 166 14.96 -2.44 10.03
CA SER A 166 15.70 -1.80 8.97
C SER A 166 15.90 -2.72 7.76
N GLY A 167 15.96 -4.03 8.00
CA GLY A 167 16.26 -4.96 6.92
C GLY A 167 15.06 -5.71 6.36
N VAL A 168 13.87 -5.16 6.57
CA VAL A 168 12.62 -5.88 6.26
C VAL A 168 11.90 -5.39 5.00
N HIS A 169 11.47 -6.34 4.16
CA HIS A 169 10.57 -6.05 3.05
C HIS A 169 9.32 -6.91 3.15
N THR A 170 8.16 -6.27 3.18
CA THR A 170 6.90 -7.00 3.17
C THR A 170 6.12 -6.66 1.89
N PHE A 171 5.81 -7.69 1.13
CA PHE A 171 5.29 -7.54 -0.23
C PHE A 171 3.78 -7.49 -0.24
N PRO A 172 3.22 -6.70 -1.17
CA PRO A 172 1.76 -6.70 -1.32
C PRO A 172 1.18 -8.09 -1.53
N ALA A 173 0.02 -8.32 -0.93
CA ALA A 173 -0.67 -9.60 -1.05
C ALA A 173 -1.22 -9.82 -2.45
N VAL A 174 -1.32 -11.08 -2.84
CA VAL A 174 -2.02 -11.46 -4.06
C VAL A 174 -3.23 -12.29 -3.68
N LEU A 175 -4.35 -12.04 -4.35
CA LEU A 175 -5.61 -12.68 -4.08
C LEU A 175 -5.86 -13.78 -5.10
N GLN A 176 -6.24 -14.96 -4.62
CA GLN A 176 -6.53 -16.08 -5.49
C GLN A 176 -7.48 -17.03 -4.79
N SER A 177 -8.55 -17.40 -5.48
CA SER A 177 -9.57 -18.31 -4.94
C SER A 177 -10.02 -17.85 -3.55
N ASP A 178 -10.39 -16.57 -3.47
CA ASP A 178 -10.94 -15.94 -2.28
CA ASP A 178 -10.94 -15.96 -2.27
C ASP A 178 -9.95 -15.89 -1.11
N LEU A 179 -8.66 -16.11 -1.38
CA LEU A 179 -7.68 -16.06 -0.29
C LEU A 179 -6.41 -15.30 -0.68
N TYR A 180 -5.85 -14.57 0.28
CA TYR A 180 -4.64 -13.78 0.06
C TYR A 180 -3.39 -14.55 0.48
N THR A 181 -2.27 -14.22 -0.18
CA THR A 181 -0.97 -14.73 0.19
C THR A 181 0.01 -13.59 0.08
N LEU A 182 0.89 -13.44 1.06
CA LEU A 182 2.02 -12.53 0.91
C LEU A 182 3.26 -13.13 1.52
N SER A 183 4.37 -12.48 1.27
CA SER A 183 5.65 -12.91 1.81
CA SER A 183 5.64 -12.92 1.82
C SER A 183 6.37 -11.72 2.39
N SER A 184 7.26 -11.98 3.34
CA SER A 184 8.06 -10.94 3.95
C SER A 184 9.48 -11.46 4.06
N SER A 185 10.46 -10.60 3.79
CA SER A 185 11.85 -10.97 3.96
C SER A 185 12.53 -10.10 5.00
N VAL A 186 13.54 -10.68 5.66
CA VAL A 186 14.37 -9.92 6.56
C VAL A 186 15.83 -10.32 6.34
N THR A 187 16.73 -9.34 6.40
CA THR A 187 18.15 -9.58 6.21
C THR A 187 18.89 -9.19 7.49
N VAL A 188 19.73 -10.10 7.99
CA VAL A 188 20.46 -9.88 9.27
C VAL A 188 21.90 -10.35 9.11
N PRO A 189 22.82 -9.86 9.97
CA PRO A 189 24.19 -10.38 9.85
C PRO A 189 24.23 -11.90 10.07
N SER A 190 24.96 -12.62 9.23
CA SER A 190 25.03 -14.07 9.35
C SER A 190 25.52 -14.55 10.72
N SER A 191 26.32 -13.74 11.40
CA SER A 191 26.81 -14.14 12.73
C SER A 191 25.69 -14.19 13.78
N THR A 192 24.53 -13.61 13.48
CA THR A 192 23.46 -13.48 14.46
C THR A 192 22.34 -14.51 14.31
N TRP A 193 22.32 -15.22 13.18
CA TRP A 193 21.33 -16.28 12.97
C TRP A 193 22.08 -17.47 12.38
N PRO A 194 21.82 -18.69 12.89
CA PRO A 194 20.80 -19.03 13.88
C PRO A 194 21.22 -18.94 15.33
N SER A 195 22.35 -18.30 15.64
CA SER A 195 22.78 -18.19 17.03
C SER A 195 21.76 -17.42 17.87
N GLU A 196 21.11 -16.42 17.27
CA GLU A 196 20.04 -15.71 17.97
C GLU A 196 18.72 -16.00 17.29
N THR A 197 17.64 -15.91 18.05
CA THR A 197 16.30 -16.21 17.53
C THR A 197 15.83 -15.15 16.53
N VAL A 198 15.26 -15.60 15.42
CA VAL A 198 14.56 -14.70 14.52
C VAL A 198 13.16 -15.26 14.31
N THR A 199 12.17 -14.43 14.59
CA THR A 199 10.76 -14.84 14.62
C THR A 199 9.92 -13.89 13.79
N CYS A 200 9.12 -14.42 12.88
CA CYS A 200 8.15 -13.66 12.13
CA CYS A 200 8.19 -13.53 12.23
C CYS A 200 6.84 -13.60 12.93
N ASN A 201 6.27 -12.41 13.13
CA ASN A 201 5.04 -12.22 13.88
C ASN A 201 3.96 -11.81 12.88
N VAL A 202 2.83 -12.51 12.86
CA VAL A 202 1.79 -12.18 11.93
C VAL A 202 0.47 -11.92 12.65
N ALA A 203 -0.02 -10.69 12.51
CA ALA A 203 -1.26 -10.32 13.16
C ALA A 203 -2.33 -10.13 12.11
N HIS A 204 -3.51 -10.68 12.36
CA HIS A 204 -4.64 -10.57 11.45
C HIS A 204 -5.81 -9.96 12.22
N PRO A 205 -5.99 -8.64 12.10
CA PRO A 205 -7.03 -7.92 12.87
C PRO A 205 -8.41 -8.54 12.74
N ALA A 206 -8.79 -8.95 11.54
CA ALA A 206 -10.16 -9.43 11.30
C ALA A 206 -10.49 -10.69 12.10
N SER A 207 -9.49 -11.54 12.33
CA SER A 207 -9.69 -12.78 13.08
CA SER A 207 -9.68 -12.78 13.07
C SER A 207 -9.17 -12.67 14.51
N SER A 208 -8.67 -11.49 14.86
CA SER A 208 -8.12 -11.24 16.19
C SER A 208 -7.02 -12.24 16.54
N THR A 209 -6.26 -12.66 15.53
CA THR A 209 -5.17 -13.62 15.75
C THR A 209 -3.79 -12.97 15.62
N LYS A 210 -2.84 -13.56 16.34
CA LYS A 210 -1.45 -13.14 16.33
C LYS A 210 -0.63 -14.41 16.50
N VAL A 211 0.08 -14.79 15.45
CA VAL A 211 0.91 -15.99 15.46
C VAL A 211 2.38 -15.66 15.27
N ASP A 212 3.24 -16.41 15.95
CA ASP A 212 4.68 -16.27 15.83
C ASP A 212 5.25 -17.51 15.15
N LYS A 213 6.19 -17.33 14.24
CA LYS A 213 6.90 -18.48 13.71
C LYS A 213 8.42 -18.26 13.74
N LYS A 214 9.09 -19.09 14.52
CA LYS A 214 10.54 -19.04 14.60
C LYS A 214 11.15 -19.56 13.31
N ILE A 215 12.19 -18.90 12.81
CA ILE A 215 12.89 -19.43 11.65
C ILE A 215 14.03 -20.32 12.11
N VAL A 216 13.84 -21.63 11.95
CA VAL A 216 14.81 -22.64 12.38
C VAL A 216 15.63 -23.11 11.18
N PRO A 217 16.96 -23.22 11.33
CA PRO A 217 17.80 -23.71 10.22
C PRO A 217 17.33 -25.06 9.71
N ARG A 218 17.53 -25.31 8.43
CA ARG A 218 17.13 -26.57 7.85
C ARG A 218 17.99 -27.71 8.40
N ASP A 219 17.40 -28.89 8.45
CA ASP A 219 17.89 -30.04 9.17
C ASP A 219 19.18 -30.65 8.60
N CYS A 220 19.36 -30.42 7.31
CA CYS A 220 20.06 -31.34 6.42
C CYS A 220 21.47 -31.80 6.80
N GLY A 221 22.31 -30.89 7.26
CA GLY A 221 23.69 -31.22 7.60
C GLY A 221 23.79 -31.90 8.94
N CYS A 222 22.63 -32.11 9.57
CA CYS A 222 22.55 -32.78 10.86
C CYS A 222 23.19 -31.97 11.98
N ASP B 1 -20.36 18.29 -13.01
CA ASP B 1 -19.96 19.68 -12.89
C ASP B 1 -18.48 19.88 -13.22
N ILE B 2 -17.72 20.45 -12.28
CA ILE B 2 -16.34 20.84 -12.57
C ILE B 2 -15.39 19.64 -12.65
N GLN B 3 -14.75 19.48 -13.81
CA GLN B 3 -13.74 18.46 -13.98
C GLN B 3 -12.34 19.06 -13.80
N MET B 4 -11.43 18.26 -13.27
CA MET B 4 -10.05 18.68 -13.02
C MET B 4 -9.13 17.74 -13.75
N THR B 5 -8.42 18.25 -14.75
CA THR B 5 -7.56 17.43 -15.57
C THR B 5 -6.12 17.63 -15.13
N GLN B 6 -5.62 16.64 -14.40
CA GLN B 6 -4.29 16.69 -13.78
C GLN B 6 -3.27 15.92 -14.63
N SER B 7 -2.16 16.56 -14.96
CA SER B 7 -1.13 15.90 -15.79
C SER B 7 0.27 16.26 -15.29
N PRO B 8 1.25 15.36 -15.50
CA PRO B 8 1.16 13.99 -16.01
C PRO B 8 0.67 13.04 -14.92
N SER B 9 0.31 11.81 -15.26
CA SER B 9 -0.19 10.89 -14.25
C SER B 9 0.98 10.29 -13.45
N SER B 10 2.19 10.42 -13.99
CA SER B 10 3.39 9.94 -13.33
C SER B 10 4.59 10.82 -13.66
N LEU B 11 5.49 10.94 -12.69
CA LEU B 11 6.71 11.76 -12.78
C LEU B 11 7.92 11.01 -12.24
N SER B 12 9.08 11.25 -12.83
CA SER B 12 10.30 10.63 -12.36
C SER B 12 11.44 11.66 -12.42
N ALA B 13 12.06 11.95 -11.28
CA ALA B 13 13.04 13.03 -11.21
C ALA B 13 14.14 12.74 -10.21
N SER B 14 15.29 13.39 -10.38
CA SER B 14 16.44 13.07 -9.56
C SER B 14 16.48 13.91 -8.29
N LEU B 15 17.21 13.43 -7.29
CA LEU B 15 17.37 14.17 -6.03
C LEU B 15 17.89 15.56 -6.33
N GLY B 16 17.35 16.55 -5.63
CA GLY B 16 17.77 17.93 -5.85
C GLY B 16 17.11 18.60 -7.04
N GLY B 17 16.33 17.84 -7.80
CA GLY B 17 15.68 18.36 -8.97
C GLY B 17 14.33 19.01 -8.71
N LYS B 18 13.65 19.38 -9.79
CA LYS B 18 12.36 20.07 -9.69
C LYS B 18 11.35 19.42 -10.63
N VAL B 19 10.11 19.31 -10.18
CA VAL B 19 9.01 18.81 -11.00
C VAL B 19 7.87 19.81 -11.00
N THR B 20 7.07 19.79 -12.06
CA THR B 20 5.85 20.59 -12.10
C THR B 20 4.69 19.70 -12.55
N ILE B 21 3.54 19.88 -11.91
CA ILE B 21 2.30 19.19 -12.25
C ILE B 21 1.31 20.24 -12.71
N THR B 22 0.60 19.96 -13.79
CA THR B 22 -0.41 20.85 -14.34
C THR B 22 -1.83 20.41 -13.92
N CYS B 23 -2.69 21.37 -13.61
CA CYS B 23 -4.10 21.07 -13.41
C CYS B 23 -4.93 22.02 -14.29
N LYS B 24 -5.89 21.47 -15.04
CA LYS B 24 -6.72 22.27 -15.90
C LYS B 24 -8.17 22.05 -15.48
N ALA B 25 -8.86 23.13 -15.13
CA ALA B 25 -10.27 23.03 -14.74
C ALA B 25 -11.20 23.27 -15.93
N SER B 26 -12.39 22.67 -15.91
CA SER B 26 -13.36 22.79 -17.00
C SER B 26 -14.06 24.13 -17.03
N GLN B 27 -13.98 24.85 -15.92
CA GLN B 27 -14.49 26.21 -15.85
C GLN B 27 -13.61 27.05 -14.91
N ASP B 28 -13.78 28.36 -14.96
CA ASP B 28 -13.03 29.26 -14.10
C ASP B 28 -13.31 28.87 -12.65
N ILE B 29 -12.26 28.54 -11.88
CA ILE B 29 -12.46 28.21 -10.48
C ILE B 29 -11.91 29.28 -9.53
N ASN B 30 -11.57 30.45 -10.08
CA ASN B 30 -11.34 31.64 -9.26
C ASN B 30 -10.27 31.48 -8.19
N LYS B 31 -9.20 30.77 -8.57
CA LYS B 31 -8.05 30.49 -7.72
C LYS B 31 -8.34 29.58 -6.50
N TYR B 32 -9.55 29.00 -6.43
CA TYR B 32 -9.85 28.03 -5.37
C TYR B 32 -9.39 26.62 -5.73
N ILE B 33 -8.08 26.45 -5.75
CA ILE B 33 -7.48 25.14 -5.98
C ILE B 33 -6.53 24.87 -4.82
N ALA B 34 -6.42 23.61 -4.44
CA ALA B 34 -5.53 23.18 -3.35
C ALA B 34 -4.74 21.97 -3.80
N TRP B 35 -3.62 21.70 -3.15
CA TRP B 35 -2.76 20.58 -3.55
C TRP B 35 -2.41 19.73 -2.36
N TYR B 36 -2.45 18.41 -2.55
CA TYR B 36 -2.28 17.45 -1.45
C TYR B 36 -1.20 16.43 -1.76
N GLN B 37 -0.47 16.05 -0.72
CA GLN B 37 0.44 14.91 -0.77
C GLN B 37 -0.19 13.68 -0.13
N HIS B 38 -0.15 12.54 -0.82
CA HIS B 38 -0.68 11.32 -0.24
C HIS B 38 0.28 10.14 -0.33
N LYS B 39 0.73 9.66 0.83
CA LYS B 39 1.59 8.49 0.94
C LYS B 39 0.78 7.27 1.35
N PRO B 40 1.11 6.09 0.80
CA PRO B 40 0.37 4.90 1.22
C PRO B 40 0.61 4.61 2.70
N GLY B 41 -0.48 4.51 3.46
CA GLY B 41 -0.38 4.29 4.90
C GLY B 41 -0.71 5.54 5.69
N LYS B 42 -0.84 6.66 4.99
CA LYS B 42 -1.22 7.92 5.63
C LYS B 42 -2.44 8.54 4.97
N GLY B 43 -3.06 9.48 5.67
CA GLY B 43 -4.13 10.27 5.09
C GLY B 43 -3.50 11.40 4.31
N PRO B 44 -4.28 12.03 3.42
CA PRO B 44 -3.78 13.15 2.62
C PRO B 44 -3.27 14.27 3.51
N ARG B 45 -2.30 15.02 3.01
CA ARG B 45 -1.70 16.15 3.73
C ARG B 45 -1.80 17.40 2.84
N LEU B 46 -2.40 18.47 3.37
CA LEU B 46 -2.50 19.72 2.64
C LEU B 46 -1.13 20.38 2.51
N LEU B 47 -0.80 20.84 1.31
CA LEU B 47 0.47 21.53 1.04
C LEU B 47 0.21 23.00 0.76
N ILE B 48 -0.74 23.25 -0.12
CA ILE B 48 -0.98 24.56 -0.72
C ILE B 48 -2.48 24.75 -0.88
N HIS B 49 -3.00 25.93 -0.50
CA HIS B 49 -4.39 26.26 -0.82
C HIS B 49 -4.47 27.63 -1.47
N TYR B 50 -5.65 28.00 -1.97
CA TYR B 50 -5.83 29.24 -2.73
C TYR B 50 -4.71 29.51 -3.74
N THR B 51 -4.46 28.48 -4.57
CA THR B 51 -3.51 28.50 -5.68
C THR B 51 -2.04 28.49 -5.26
N SER B 52 -1.66 29.36 -4.35
CA SER B 52 -0.24 29.55 -4.07
C SER B 52 0.09 29.69 -2.59
N THR B 53 -0.91 29.62 -1.72
CA THR B 53 -0.68 29.87 -0.31
C THR B 53 -0.15 28.63 0.38
N LEU B 54 1.11 28.71 0.82
CA LEU B 54 1.73 27.61 1.52
C LEU B 54 1.13 27.41 2.90
N HIS B 55 0.73 26.18 3.21
CA HIS B 55 0.20 25.89 4.53
C HIS B 55 1.38 25.89 5.51
N PRO B 56 1.26 26.68 6.60
CA PRO B 56 2.36 26.81 7.59
C PRO B 56 2.89 25.47 8.07
N GLY B 57 4.21 25.30 8.04
CA GLY B 57 4.82 24.05 8.43
C GLY B 57 5.25 23.19 7.25
N ILE B 58 4.70 23.49 6.08
CA ILE B 58 5.11 22.86 4.84
C ILE B 58 6.33 23.59 4.30
N PRO B 59 7.38 22.86 3.89
CA PRO B 59 8.59 23.49 3.33
C PRO B 59 8.30 24.41 2.14
N SER B 60 9.02 25.52 2.00
CA SER B 60 8.65 26.48 0.96
C SER B 60 9.12 26.02 -0.42
N ARG B 61 9.78 24.86 -0.50
CA ARG B 61 10.13 24.32 -1.80
C ARG B 61 8.89 23.73 -2.49
N PHE B 62 7.77 23.69 -1.77
CA PHE B 62 6.47 23.44 -2.38
C PHE B 62 5.86 24.76 -2.80
N SER B 63 5.34 24.83 -4.03
CA SER B 63 4.76 26.07 -4.50
C SER B 63 3.64 25.81 -5.50
N GLY B 64 2.78 26.82 -5.68
CA GLY B 64 1.70 26.74 -6.65
C GLY B 64 1.54 28.05 -7.41
N SER B 65 0.95 27.96 -8.60
CA SER B 65 0.72 29.15 -9.41
C SER B 65 -0.52 28.97 -10.29
N GLY B 66 -1.00 30.08 -10.85
CA GLY B 66 -2.08 30.01 -11.81
C GLY B 66 -3.26 30.92 -11.53
N SER B 67 -4.23 30.85 -12.43
CA SER B 67 -5.48 31.58 -12.30
C SER B 67 -6.43 31.09 -13.37
N GLY B 68 -7.70 31.48 -13.26
CA GLY B 68 -8.70 31.11 -14.25
C GLY B 68 -8.93 29.61 -14.23
N ARG B 69 -8.60 28.98 -15.35
CA ARG B 69 -8.71 27.53 -15.48
C ARG B 69 -7.37 26.79 -15.43
N ASP B 70 -6.26 27.53 -15.40
CA ASP B 70 -4.95 26.90 -15.56
C ASP B 70 -4.03 27.10 -14.37
N TYR B 71 -3.63 25.98 -13.76
CA TYR B 71 -2.88 25.98 -12.51
C TYR B 71 -1.71 25.02 -12.56
N SER B 72 -0.72 25.29 -11.73
CA SER B 72 0.44 24.42 -11.68
C SER B 72 0.93 24.31 -10.26
N PHE B 73 1.64 23.24 -10.00
CA PHE B 73 2.19 22.93 -8.69
C PHE B 73 3.59 22.43 -8.91
N SER B 74 4.52 22.88 -8.08
CA SER B 74 5.92 22.50 -8.25
C SER B 74 6.55 22.07 -6.94
N ILE B 75 7.48 21.12 -7.02
CA ILE B 75 8.36 20.77 -5.91
C ILE B 75 9.81 20.93 -6.37
N SER B 76 10.58 21.77 -5.69
CA SER B 76 12.01 21.89 -5.97
C SER B 76 12.85 21.22 -4.89
N ASN B 77 14.15 21.08 -5.19
CA ASN B 77 15.11 20.44 -4.29
C ASN B 77 14.56 19.11 -3.79
N LEU B 78 14.24 18.23 -4.73
CA LEU B 78 13.57 16.98 -4.38
C LEU B 78 14.35 16.12 -3.40
N GLU B 79 13.60 15.47 -2.51
CA GLU B 79 14.17 14.61 -1.49
C GLU B 79 13.50 13.24 -1.59
N PRO B 80 14.20 12.18 -1.14
CA PRO B 80 13.61 10.84 -1.21
C PRO B 80 12.24 10.73 -0.56
N GLU B 81 11.97 11.49 0.50
CA GLU B 81 10.71 11.39 1.23
CA GLU B 81 10.69 11.34 1.19
C GLU B 81 9.56 12.10 0.49
N ASP B 82 9.88 12.73 -0.65
CA ASP B 82 8.84 13.35 -1.49
C ASP B 82 8.08 12.30 -2.33
N ILE B 83 8.50 11.04 -2.27
N ILE B 83 8.51 11.04 -2.31
CA ILE B 83 7.78 9.94 -2.89
CA ILE B 83 7.79 9.99 -3.00
C ILE B 83 6.34 9.90 -2.40
C ILE B 83 6.38 9.86 -2.44
N ALA B 84 5.39 10.05 -3.31
CA ALA B 84 3.97 10.08 -2.96
C ALA B 84 3.16 10.24 -4.21
N THR B 85 1.84 10.21 -4.04
CA THR B 85 0.93 10.68 -5.07
C THR B 85 0.42 12.05 -4.65
N TYR B 86 0.41 12.97 -5.61
CA TYR B 86 -0.05 14.33 -5.38
C TYR B 86 -1.36 14.58 -6.11
N TYR B 87 -2.25 15.35 -5.49
CA TYR B 87 -3.55 15.67 -6.08
C TYR B 87 -3.84 17.16 -6.06
N CYS B 88 -4.43 17.68 -7.11
CA CYS B 88 -5.11 18.98 -7.02
C CYS B 88 -6.56 18.79 -6.61
N LEU B 89 -7.18 19.86 -6.15
CA LEU B 89 -8.56 19.84 -5.66
C LEU B 89 -9.17 21.20 -5.93
N GLN B 90 -10.32 21.26 -6.61
CA GLN B 90 -11.01 22.55 -6.73
C GLN B 90 -12.02 22.62 -5.59
N TYR B 91 -12.21 23.81 -5.03
CA TYR B 91 -13.24 24.01 -4.02
C TYR B 91 -13.96 25.34 -4.28
N ASP B 92 -14.10 25.66 -5.56
CA ASP B 92 -14.87 26.83 -5.96
C ASP B 92 -16.36 26.52 -5.83
N ASN B 93 -16.75 25.32 -6.25
CA ASN B 93 -18.14 24.92 -6.13
C ASN B 93 -18.18 23.43 -5.82
N LEU B 94 -18.57 23.14 -4.57
CA LEU B 94 -18.34 21.85 -3.93
C LEU B 94 -16.88 21.41 -4.15
N ARG B 95 -16.62 20.11 -4.29
CA ARG B 95 -15.23 19.64 -4.33
C ARG B 95 -14.97 18.66 -5.46
N THR B 96 -13.85 18.84 -6.17
CA THR B 96 -13.41 17.85 -7.18
C THR B 96 -11.90 17.65 -7.13
N PHE B 97 -11.46 16.39 -6.97
CA PHE B 97 -10.05 16.06 -7.00
C PHE B 97 -9.59 15.79 -8.41
N GLY B 98 -8.36 16.18 -8.71
CA GLY B 98 -7.71 15.71 -9.94
C GLY B 98 -7.35 14.23 -9.83
N GLY B 99 -6.93 13.65 -10.94
CA GLY B 99 -6.64 12.22 -10.99
C GLY B 99 -5.39 11.74 -10.30
N GLY B 100 -4.53 12.66 -9.90
CA GLY B 100 -3.32 12.31 -9.17
C GLY B 100 -2.09 12.18 -10.05
N THR B 101 -0.93 12.41 -9.44
CA THR B 101 0.36 12.24 -10.09
C THR B 101 1.24 11.45 -9.18
N LYS B 102 1.71 10.28 -9.61
CA LYS B 102 2.60 9.48 -8.80
C LYS B 102 4.07 9.86 -9.05
N LEU B 103 4.75 10.27 -7.99
CA LEU B 103 6.14 10.75 -8.08
C LEU B 103 7.16 9.69 -7.68
N GLU B 104 8.06 9.37 -8.61
CA GLU B 104 9.23 8.52 -8.36
C GLU B 104 10.50 9.36 -8.27
N ILE B 105 11.40 9.03 -7.34
CA ILE B 105 12.73 9.62 -7.31
C ILE B 105 13.68 8.76 -8.12
N LYS B 106 14.52 9.37 -8.96
CA LYS B 106 15.49 8.58 -9.73
C LYS B 106 16.87 8.53 -9.12
N ARG B 107 17.22 7.37 -8.59
CA ARG B 107 18.53 7.14 -8.03
C ARG B 107 19.43 6.44 -9.02
N ALA B 108 20.67 6.17 -8.64
CA ALA B 108 21.55 5.36 -9.48
C ALA B 108 20.98 3.96 -9.65
N ASP B 109 21.13 3.38 -10.84
CA ASP B 109 20.75 2.00 -11.03
C ASP B 109 21.43 1.10 -10.01
N ALA B 110 20.70 0.11 -9.52
CA ALA B 110 21.24 -0.86 -8.58
C ALA B 110 20.70 -2.26 -8.90
N ALA B 111 21.59 -3.25 -8.90
CA ALA B 111 21.21 -4.64 -9.11
C ALA B 111 20.51 -5.24 -7.89
N PRO B 112 19.56 -6.16 -8.11
CA PRO B 112 18.88 -6.81 -7.00
C PRO B 112 19.79 -7.76 -6.23
N THR B 113 19.54 -7.87 -4.93
CA THR B 113 20.07 -8.97 -4.14
C THR B 113 19.03 -10.10 -4.17
N VAL B 114 19.44 -11.26 -4.68
CA VAL B 114 18.50 -12.35 -4.94
C VAL B 114 18.67 -13.52 -3.97
N SER B 115 17.54 -14.02 -3.45
CA SER B 115 17.52 -15.11 -2.47
C SER B 115 16.41 -16.09 -2.84
N ILE B 116 16.69 -17.39 -2.77
CA ILE B 116 15.67 -18.39 -3.10
C ILE B 116 15.42 -19.29 -1.88
N PHE B 117 14.18 -19.71 -1.69
CA PHE B 117 13.81 -20.54 -0.54
C PHE B 117 12.95 -21.71 -0.93
N PRO B 118 13.32 -22.92 -0.47
CA PRO B 118 12.48 -24.10 -0.68
C PRO B 118 11.17 -24.01 0.11
N PRO B 119 10.20 -24.85 -0.24
CA PRO B 119 8.99 -24.98 0.59
C PRO B 119 9.33 -25.43 2.00
N SER B 120 8.61 -24.89 2.98
CA SER B 120 8.81 -25.32 4.34
C SER B 120 8.21 -26.70 4.59
N SER B 121 8.80 -27.44 5.53
CA SER B 121 8.25 -28.74 5.89
C SER B 121 6.82 -28.57 6.39
N GLU B 122 6.54 -27.45 7.06
CA GLU B 122 5.20 -27.18 7.52
C GLU B 122 4.20 -27.09 6.38
N GLN B 123 4.54 -26.34 5.33
CA GLN B 123 3.62 -26.18 4.20
C GLN B 123 3.40 -27.51 3.49
N LEU B 124 4.46 -28.29 3.35
CA LEU B 124 4.37 -29.55 2.61
C LEU B 124 3.31 -30.48 3.23
N THR B 125 3.06 -30.35 4.53
CA THR B 125 2.04 -31.20 5.16
C THR B 125 0.63 -30.90 4.64
N SER B 126 0.46 -29.72 4.04
CA SER B 126 -0.81 -29.29 3.46
C SER B 126 -1.00 -29.84 2.06
N GLY B 127 0.08 -30.35 1.47
CA GLY B 127 0.03 -30.89 0.13
C GLY B 127 0.42 -29.88 -0.94
N GLY B 128 0.75 -28.66 -0.52
CA GLY B 128 1.15 -27.60 -1.43
C GLY B 128 2.61 -27.26 -1.22
N ALA B 129 3.21 -26.62 -2.20
CA ALA B 129 4.64 -26.36 -2.19
C ALA B 129 4.92 -25.05 -2.89
N SER B 130 5.26 -24.03 -2.11
CA SER B 130 5.61 -22.73 -2.65
C SER B 130 7.12 -22.52 -2.57
N VAL B 131 7.70 -22.25 -3.73
CA VAL B 131 9.11 -21.87 -3.85
C VAL B 131 9.14 -20.34 -3.93
N VAL B 132 9.90 -19.69 -3.05
CA VAL B 132 9.88 -18.22 -3.00
C VAL B 132 11.24 -17.62 -3.38
N CYS B 133 11.22 -16.58 -4.20
CA CYS B 133 12.43 -15.89 -4.63
C CYS B 133 12.26 -14.41 -4.32
N PHE B 134 13.22 -13.85 -3.57
CA PHE B 134 13.17 -12.41 -3.25
C PHE B 134 14.19 -11.69 -4.10
N LEU B 135 13.78 -10.57 -4.68
CA LEU B 135 14.67 -9.70 -5.44
C LEU B 135 14.65 -8.34 -4.78
N ASN B 136 15.67 -8.05 -3.98
CA ASN B 136 15.58 -6.91 -3.06
C ASN B 136 16.51 -5.74 -3.40
N ASN B 137 15.96 -4.54 -3.18
CA ASN B 137 16.65 -3.24 -3.34
C ASN B 137 17.33 -3.00 -4.69
N PHE B 138 16.52 -2.93 -5.73
CA PHE B 138 17.03 -2.63 -7.07
C PHE B 138 16.39 -1.35 -7.62
N TYR B 139 16.98 -0.83 -8.69
CA TYR B 139 16.46 0.35 -9.39
C TYR B 139 17.04 0.31 -10.80
N PRO B 140 16.22 0.56 -11.84
CA PRO B 140 14.81 0.91 -11.86
C PRO B 140 13.89 -0.28 -11.60
N LYS B 141 12.58 -0.03 -11.57
CA LYS B 141 11.61 -1.02 -11.13
C LYS B 141 11.44 -2.17 -12.11
N ASP B 142 11.72 -1.90 -13.37
CA ASP B 142 11.59 -2.89 -14.42
C ASP B 142 12.55 -4.03 -14.18
N ILE B 143 12.02 -5.25 -14.17
CA ILE B 143 12.87 -6.42 -13.91
C ILE B 143 12.17 -7.67 -14.42
N ASN B 144 12.96 -8.66 -14.80
CA ASN B 144 12.41 -9.92 -15.29
C ASN B 144 12.84 -11.05 -14.39
N VAL B 145 11.89 -11.91 -14.01
CA VAL B 145 12.22 -13.10 -13.23
C VAL B 145 11.83 -14.35 -14.01
N LYS B 146 12.75 -15.31 -14.04
CA LYS B 146 12.54 -16.56 -14.78
C LYS B 146 12.72 -17.73 -13.83
N TRP B 147 11.72 -18.60 -13.76
CA TRP B 147 11.83 -19.81 -12.97
C TRP B 147 12.29 -20.97 -13.82
N LYS B 148 13.18 -21.81 -13.31
CA LYS B 148 13.52 -23.04 -14.03
C LYS B 148 13.35 -24.20 -13.08
N ILE B 149 12.80 -25.29 -13.60
CA ILE B 149 12.74 -26.54 -12.86
C ILE B 149 13.58 -27.57 -13.64
N ASP B 150 14.59 -28.12 -12.98
CA ASP B 150 15.56 -29.03 -13.64
C ASP B 150 16.18 -28.32 -14.86
N GLY B 151 16.31 -27.01 -14.73
CA GLY B 151 16.96 -26.18 -15.74
C GLY B 151 16.07 -25.85 -16.92
N SER B 152 14.81 -26.29 -16.85
CA SER B 152 13.84 -26.02 -17.89
C SER B 152 12.85 -24.94 -17.44
N GLU B 153 12.67 -23.91 -18.26
CA GLU B 153 11.84 -22.77 -17.89
C GLU B 153 10.39 -23.16 -17.60
N ARG B 154 9.87 -22.63 -16.50
CA ARG B 154 8.51 -22.87 -16.00
C ARG B 154 7.70 -21.57 -15.97
N GLN B 155 6.53 -21.54 -16.61
CA GLN B 155 5.78 -20.29 -16.64
C GLN B 155 4.43 -20.28 -15.91
N ASN B 156 3.86 -21.46 -15.64
CA ASN B 156 2.59 -21.56 -14.91
C ASN B 156 2.78 -21.72 -13.39
N GLY B 157 1.85 -21.19 -12.59
CA GLY B 157 1.93 -21.27 -11.14
C GLY B 157 2.79 -20.19 -10.50
N VAL B 158 3.15 -19.18 -11.28
CA VAL B 158 4.00 -18.09 -10.77
C VAL B 158 3.18 -16.86 -10.44
N LEU B 159 3.42 -16.26 -9.26
CA LEU B 159 2.78 -15.00 -8.89
C LEU B 159 3.81 -14.00 -8.37
N ASN B 160 3.80 -12.80 -8.96
CA ASN B 160 4.79 -11.78 -8.64
C ASN B 160 4.19 -10.58 -7.87
N SER B 161 5.00 -9.94 -7.03
CA SER B 161 4.52 -8.79 -6.25
C SER B 161 5.63 -7.79 -5.98
N TRP B 162 5.37 -6.52 -6.33
CA TRP B 162 6.34 -5.43 -6.18
C TRP B 162 6.00 -4.53 -4.99
N THR B 163 7.02 -4.16 -4.22
CA THR B 163 6.84 -3.12 -3.20
C THR B 163 6.71 -1.75 -3.87
N ASP B 164 6.25 -0.76 -3.07
CA ASP B 164 6.29 0.64 -3.48
C ASP B 164 7.74 1.09 -3.42
N GLN B 165 8.08 2.21 -4.04
CA GLN B 165 9.46 2.69 -3.90
C GLN B 165 9.75 3.04 -2.43
N ASP B 166 10.93 2.66 -1.96
CA ASP B 166 11.37 2.93 -0.59
C ASP B 166 11.69 4.40 -0.34
N SER B 167 11.08 4.97 0.70
CA SER B 167 11.16 6.41 0.95
C SER B 167 12.56 6.86 1.35
N LYS B 168 13.43 5.91 1.71
CA LYS B 168 14.76 6.30 2.17
C LYS B 168 15.87 6.01 1.16
N ASP B 169 15.95 4.79 0.62
CA ASP B 169 17.03 4.51 -0.33
C ASP B 169 16.57 4.48 -1.79
N SER B 170 15.27 4.74 -2.00
CA SER B 170 14.67 4.92 -3.33
C SER B 170 14.73 3.69 -4.21
N THR B 171 14.82 2.52 -3.58
CA THR B 171 14.88 1.28 -4.32
C THR B 171 13.52 0.58 -4.30
N TYR B 172 13.42 -0.46 -5.13
CA TYR B 172 12.26 -1.34 -5.21
C TYR B 172 12.65 -2.74 -4.82
N SER B 173 11.67 -3.51 -4.37
CA SER B 173 11.91 -4.93 -4.17
C SER B 173 10.75 -5.72 -4.80
N MET B 174 10.95 -6.99 -5.05
CA MET B 174 9.94 -7.83 -5.68
CA MET B 174 9.86 -7.79 -5.55
C MET B 174 10.01 -9.24 -5.10
N SER B 175 8.87 -9.90 -4.97
CA SER B 175 8.89 -11.32 -4.61
C SER B 175 8.26 -12.09 -5.76
N SER B 176 8.80 -13.26 -6.04
CA SER B 176 8.21 -14.14 -7.04
C SER B 176 7.95 -15.49 -6.38
N THR B 177 6.72 -15.99 -6.47
CA THR B 177 6.41 -17.27 -5.84
C THR B 177 5.86 -18.27 -6.85
N LEU B 178 6.53 -19.43 -6.93
CA LEU B 178 6.09 -20.52 -7.76
C LEU B 178 5.38 -21.55 -6.89
N THR B 179 4.09 -21.80 -7.13
CA THR B 179 3.39 -22.78 -6.31
C THR B 179 3.03 -24.04 -7.12
N LEU B 180 3.43 -25.19 -6.60
CA LEU B 180 3.18 -26.50 -7.18
C LEU B 180 2.45 -27.33 -6.16
N THR B 181 1.86 -28.44 -6.60
CA THR B 181 1.41 -29.43 -5.64
C THR B 181 2.67 -30.12 -5.12
N LYS B 182 2.58 -30.69 -3.92
CA LYS B 182 3.72 -31.41 -3.33
C LYS B 182 4.21 -32.54 -4.22
N ASP B 183 3.29 -33.27 -4.87
CA ASP B 183 3.70 -34.37 -5.73
C ASP B 183 4.49 -33.87 -6.95
N GLU B 184 4.08 -32.77 -7.56
CA GLU B 184 4.85 -32.26 -8.69
C GLU B 184 6.21 -31.75 -8.20
N TYR B 185 6.21 -31.03 -7.08
CA TYR B 185 7.45 -30.53 -6.50
C TYR B 185 8.48 -31.65 -6.28
N GLU B 186 8.01 -32.79 -5.76
CA GLU B 186 8.91 -33.88 -5.41
C GLU B 186 9.27 -34.78 -6.58
N ARG B 187 8.73 -34.46 -7.76
CA ARG B 187 9.14 -35.16 -8.99
C ARG B 187 10.41 -34.57 -9.61
N HIS B 188 10.80 -33.37 -9.17
CA HIS B 188 11.94 -32.68 -9.75
C HIS B 188 12.98 -32.38 -8.68
N ASN B 189 14.21 -32.06 -9.08
CA ASN B 189 15.26 -31.93 -8.09
C ASN B 189 15.94 -30.56 -8.05
N SER B 190 15.92 -29.85 -9.18
CA SER B 190 16.58 -28.54 -9.23
C SER B 190 15.57 -27.40 -9.39
N TYR B 191 15.72 -26.36 -8.56
CA TYR B 191 14.85 -25.20 -8.65
C TYR B 191 15.71 -23.95 -8.70
N THR B 192 15.40 -23.09 -9.66
CA THR B 192 16.22 -21.92 -9.97
C THR B 192 15.36 -20.71 -10.21
N CYS B 193 15.77 -19.57 -9.69
CA CYS B 193 15.16 -18.34 -10.15
CA CYS B 193 15.18 -18.29 -9.99
C CYS B 193 16.25 -17.44 -10.67
N GLU B 194 15.96 -16.85 -11.82
CA GLU B 194 16.91 -16.04 -12.59
C GLU B 194 16.39 -14.64 -12.78
N ALA B 195 17.20 -13.66 -12.37
CA ALA B 195 16.78 -12.27 -12.41
C ALA B 195 17.55 -11.56 -13.48
N THR B 196 16.83 -10.89 -14.38
CA THR B 196 17.47 -10.10 -15.43
C THR B 196 17.07 -8.64 -15.29
N HIS B 197 18.07 -7.75 -15.22
CA HIS B 197 17.85 -6.35 -14.86
C HIS B 197 18.85 -5.55 -15.69
N LYS B 198 18.54 -4.30 -15.99
CA LYS B 198 19.33 -3.54 -16.97
C LYS B 198 20.75 -3.31 -16.47
N THR B 199 20.99 -3.53 -15.18
CA THR B 199 22.32 -3.36 -14.61
C THR B 199 23.34 -4.38 -15.15
N SER B 200 22.87 -5.48 -15.72
CA SER B 200 23.78 -6.41 -16.38
C SER B 200 23.11 -7.24 -17.45
N THR B 201 23.82 -7.51 -18.54
CA THR B 201 23.33 -8.45 -19.54
C THR B 201 23.30 -9.88 -18.99
N SER B 202 24.01 -10.12 -17.88
CA SER B 202 24.05 -11.44 -17.25
C SER B 202 22.97 -11.58 -16.19
N PRO B 203 22.17 -12.65 -16.28
CA PRO B 203 21.19 -12.81 -15.20
C PRO B 203 21.85 -13.20 -13.87
N ILE B 204 21.18 -12.84 -12.78
CA ILE B 204 21.57 -13.27 -11.45
C ILE B 204 20.83 -14.57 -11.17
N VAL B 205 21.58 -15.63 -10.91
CA VAL B 205 21.00 -16.97 -10.77
C VAL B 205 21.14 -17.49 -9.33
N LYS B 206 20.03 -17.91 -8.75
CA LYS B 206 20.04 -18.57 -7.46
C LYS B 206 19.27 -19.88 -7.55
N SER B 207 19.86 -20.96 -7.05
CA SER B 207 19.21 -22.25 -7.14
C SER B 207 19.31 -23.03 -5.84
N PHE B 208 18.46 -24.05 -5.71
CA PHE B 208 18.72 -25.11 -4.76
C PHE B 208 18.37 -26.48 -5.34
N ASN B 209 18.94 -27.50 -4.73
CA ASN B 209 18.58 -28.89 -5.01
C ASN B 209 17.67 -29.44 -3.94
N ARG B 210 16.60 -30.08 -4.38
CA ARG B 210 15.70 -30.82 -3.50
C ARG B 210 16.26 -32.21 -3.30
N ASN B 211 16.62 -32.52 -2.07
CA ASN B 211 17.04 -33.87 -1.78
C ASN B 211 16.11 -34.46 -0.74
N GLU B 212 16.52 -35.54 -0.10
CA GLU B 212 15.59 -36.29 0.73
C GLU B 212 15.29 -35.58 2.06
N CYS B 213 16.15 -34.67 2.46
CA CYS B 213 15.91 -33.92 3.69
C CYS B 213 15.07 -32.67 3.42
#